data_6YO3
#
_entry.id   6YO3
#
_cell.length_a   88.943
_cell.length_b   48.630
_cell.length_c   128.632
_cell.angle_alpha   90.000
_cell.angle_beta   95.590
_cell.angle_gamma   90.000
#
_symmetry.space_group_name_H-M   'I 1 2 1'
#
loop_
_entity.id
_entity.type
_entity.pdbx_description
1 polymer 'PA-I galactophilic lectin'
2 non-polymer 'CALCIUM ION'
3 non-polymer 2,3-bis(oxidanyl)benzenecarbonitrile
4 non-polymer 'HEXAETHYLENE GLYCOL'
5 non-polymer 1,2-ETHANEDIOL
6 non-polymer 'TETRAETHYLENE GLYCOL'
7 non-polymer 'TRIETHYLENE GLYCOL'
8 water water
#
_entity_poly.entity_id   1
_entity_poly.type   'polypeptide(L)'
_entity_poly.pdbx_seq_one_letter_code
;AWKGEVLANNEAGQVTSIIYNPGDVITIVAAGWASYGPTQKWGPQGDREHPDQGLICHDAFCGALVMKIGNSGTIPVNTG
LFRWVAPNNVQGAITLIYNDVPGTYGNNSGSFSVNIGKDQS
;
_entity_poly.pdbx_strand_id   A,B,C,D
#
loop_
_chem_comp.id
_chem_comp.type
_chem_comp.name
_chem_comp.formula
CA non-polymer 'CALCIUM ION' 'Ca 2'
EDO non-polymer 1,2-ETHANEDIOL 'C2 H6 O2'
P3K non-polymer 2,3-bis(oxidanyl)benzenecarbonitrile 'C7 H5 N O2'
P6G non-polymer 'HEXAETHYLENE GLYCOL' 'C12 H26 O7'
PG4 non-polymer 'TETRAETHYLENE GLYCOL' 'C8 H18 O5'
PGE non-polymer 'TRIETHYLENE GLYCOL' 'C6 H14 O4'
#
# COMPACT_ATOMS: atom_id res chain seq x y z
N ALA A 1 1.72 9.09 6.89
CA ALA A 1 2.69 9.80 6.02
C ALA A 1 3.08 11.14 6.65
N TRP A 2 4.04 11.81 6.04
CA TRP A 2 4.49 13.16 6.43
C TRP A 2 4.57 14.02 5.18
N LYS A 3 4.10 15.25 5.24
CA LYS A 3 4.24 16.25 4.16
C LYS A 3 4.79 17.51 4.82
N GLY A 4 5.69 18.20 4.16
CA GLY A 4 6.13 19.51 4.66
C GLY A 4 7.20 20.09 3.77
N GLU A 5 7.65 21.25 4.19
CA GLU A 5 8.59 22.12 3.45
C GLU A 5 9.98 21.92 4.05
N VAL A 6 10.99 21.88 3.18
CA VAL A 6 12.42 21.86 3.58
C VAL A 6 13.03 23.16 3.04
N LEU A 7 13.24 24.14 3.93
CA LEU A 7 13.81 25.45 3.52
C LEU A 7 15.28 25.26 3.13
N ALA A 8 15.68 25.85 2.00
CA ALA A 8 17.09 25.79 1.50
C ALA A 8 18.03 26.43 2.53
N ASN A 9 17.55 27.40 3.32
CA ASN A 9 18.44 28.19 4.24
C ASN A 9 18.47 27.50 5.60
N ASN A 10 17.81 26.35 5.75
CA ASN A 10 17.70 25.68 7.07
C ASN A 10 18.88 24.71 7.21
N GLU A 11 20.01 25.13 7.79
CA GLU A 11 21.26 24.33 7.91
C GLU A 11 21.05 23.10 8.79
N ALA A 12 20.21 23.19 9.82
CA ALA A 12 19.99 22.07 10.76
C ALA A 12 19.10 20.98 10.11
N GLY A 13 18.38 21.32 9.04
CA GLY A 13 17.50 20.37 8.35
C GLY A 13 16.10 20.35 8.96
N GLN A 14 15.19 19.68 8.28
CA GLN A 14 13.78 19.56 8.73
C GLN A 14 13.58 18.14 9.27
N VAL A 15 13.34 18.00 10.57
N VAL A 15 13.34 18.03 10.57
CA VAL A 15 13.00 16.70 11.21
CA VAL A 15 12.92 16.77 11.23
C VAL A 15 11.55 16.37 10.82
C VAL A 15 11.54 16.41 10.70
N THR A 16 11.31 15.15 10.35
CA THR A 16 9.98 14.63 10.01
C THR A 16 9.45 13.85 11.19
N SER A 17 8.23 13.33 11.07
CA SER A 17 7.57 12.41 12.03
C SER A 17 7.90 10.96 11.66
N ILE A 18 8.70 10.72 10.62
CA ILE A 18 8.92 9.34 10.09
C ILE A 18 10.10 8.76 10.88
N ILE A 19 9.86 7.61 11.50
CA ILE A 19 10.92 6.73 12.05
C ILE A 19 11.08 5.56 11.08
N TYR A 20 12.22 5.47 10.41
CA TYR A 20 12.56 4.37 9.50
C TYR A 20 13.00 3.17 10.35
N ASN A 21 12.27 2.07 10.23
CA ASN A 21 12.51 0.81 10.97
C ASN A 21 13.05 -0.25 10.01
N PRO A 22 13.82 -1.22 10.54
CA PRO A 22 14.36 -2.28 9.71
C PRO A 22 13.26 -2.94 8.89
N GLY A 23 13.50 -3.16 7.60
CA GLY A 23 12.57 -3.78 6.64
C GLY A 23 11.55 -2.79 6.05
N ASP A 24 11.45 -1.56 6.56
CA ASP A 24 10.46 -0.60 6.03
C ASP A 24 10.75 -0.34 4.53
N VAL A 25 9.67 -0.25 3.75
CA VAL A 25 9.75 0.22 2.33
C VAL A 25 9.13 1.61 2.32
N ILE A 26 9.87 2.63 1.85
CA ILE A 26 9.34 4.03 1.88
C ILE A 26 9.35 4.59 0.45
N THR A 27 8.48 5.56 0.25
CA THR A 27 8.44 6.38 -0.97
C THR A 27 8.57 7.82 -0.51
N ILE A 28 9.45 8.56 -1.20
CA ILE A 28 9.63 10.03 -1.04
C ILE A 28 9.42 10.67 -2.42
N VAL A 29 8.58 11.69 -2.46
CA VAL A 29 8.45 12.57 -3.65
C VAL A 29 8.79 14.00 -3.19
N ALA A 30 9.72 14.64 -3.88
CA ALA A 30 10.16 16.02 -3.59
C ALA A 30 9.89 16.88 -4.82
N ALA A 31 9.43 18.10 -4.61
CA ALA A 31 9.11 19.03 -5.71
C ALA A 31 9.54 20.44 -5.27
N GLY A 32 9.82 21.31 -6.21
CA GLY A 32 9.97 22.75 -5.93
C GLY A 32 11.30 23.29 -6.40
N TRP A 33 11.51 24.56 -6.06
CA TRP A 33 12.60 25.39 -6.59
C TRP A 33 13.35 26.03 -5.42
N ALA A 34 14.67 25.87 -5.42
CA ALA A 34 15.53 26.37 -4.35
C ALA A 34 16.88 26.79 -4.95
N SER A 35 17.56 27.66 -4.21
CA SER A 35 18.89 28.16 -4.61
C SER A 35 19.84 28.14 -3.42
N TYR A 36 21.11 27.88 -3.73
CA TYR A 36 22.27 27.92 -2.82
C TYR A 36 22.88 29.33 -2.83
N GLY A 37 22.32 30.26 -3.61
CA GLY A 37 22.76 31.67 -3.62
C GLY A 37 22.27 32.41 -4.85
N PRO A 38 22.45 31.86 -6.08
CA PRO A 38 22.05 32.60 -7.28
C PRO A 38 20.54 32.89 -7.42
N THR A 39 20.23 33.86 -8.31
CA THR A 39 18.86 34.11 -8.82
C THR A 39 18.26 32.81 -9.36
N GLN A 40 19.00 32.09 -10.20
CA GLN A 40 18.49 30.83 -10.80
C GLN A 40 18.13 29.89 -9.65
N LYS A 41 17.06 29.14 -9.80
CA LYS A 41 16.75 28.09 -8.82
C LYS A 41 16.82 26.73 -9.50
N TRP A 42 17.13 25.72 -8.71
CA TRP A 42 17.20 24.33 -9.20
C TRP A 42 16.14 23.46 -8.49
N GLY A 43 15.81 22.33 -9.09
CA GLY A 43 14.90 21.34 -8.52
C GLY A 43 15.70 20.49 -7.55
N PRO A 44 15.08 19.47 -7.00
CA PRO A 44 15.67 18.62 -5.94
C PRO A 44 16.88 17.76 -6.31
N GLN A 45 17.25 17.69 -7.58
CA GLN A 45 18.54 17.07 -8.00
C GLN A 45 19.68 18.09 -7.91
N GLY A 46 19.37 19.36 -7.68
CA GLY A 46 20.41 20.41 -7.59
C GLY A 46 21.06 20.81 -8.92
N ASP A 47 22.25 21.39 -8.81
CA ASP A 47 22.97 21.99 -9.95
C ASP A 47 24.09 21.04 -10.37
N ARG A 48 23.94 20.35 -11.49
CA ARG A 48 24.90 19.29 -11.92
C ARG A 48 26.24 19.92 -12.33
N GLU A 49 26.32 21.23 -12.52
CA GLU A 49 27.59 21.88 -12.94
C GLU A 49 28.36 22.46 -11.75
N HIS A 50 27.77 22.59 -10.58
CA HIS A 50 28.42 23.31 -9.47
C HIS A 50 29.49 22.41 -8.86
N PRO A 51 30.72 22.92 -8.61
CA PRO A 51 31.74 22.09 -7.98
C PRO A 51 31.35 21.77 -6.53
N ASP A 52 31.93 20.72 -5.98
CA ASP A 52 31.78 20.38 -4.55
C ASP A 52 32.80 21.21 -3.77
N GLN A 53 32.34 22.17 -2.96
CA GLN A 53 33.21 23.07 -2.13
C GLN A 53 33.13 22.68 -0.66
N GLY A 54 32.71 21.43 -0.38
CA GLY A 54 32.59 20.93 1.00
C GLY A 54 31.12 20.65 1.34
N LEU A 55 30.38 20.07 0.41
CA LEU A 55 28.93 19.74 0.59
C LEU A 55 28.74 18.79 1.76
N ILE A 56 27.59 18.89 2.42
CA ILE A 56 27.26 17.93 3.51
C ILE A 56 27.02 16.54 2.90
N CYS A 57 26.69 16.46 1.61
CA CYS A 57 26.58 15.15 0.91
C CYS A 57 27.40 15.17 -0.39
N HIS A 58 28.50 14.42 -0.44
CA HIS A 58 29.43 14.40 -1.59
C HIS A 58 28.84 13.53 -2.70
N ASP A 59 27.78 12.77 -2.43
CA ASP A 59 27.13 11.86 -3.42
C ASP A 59 25.90 12.52 -4.08
N ALA A 60 25.74 13.83 -3.94
CA ALA A 60 24.61 14.58 -4.53
C ALA A 60 25.10 15.97 -4.92
N PHE A 61 24.49 16.59 -5.92
CA PHE A 61 24.92 17.92 -6.38
C PHE A 61 24.58 18.96 -5.30
N CYS A 62 25.28 20.09 -5.40
CA CYS A 62 24.96 21.33 -4.68
C CYS A 62 23.50 21.70 -4.97
N GLY A 63 22.67 21.84 -3.92
CA GLY A 63 21.27 22.22 -4.03
C GLY A 63 20.34 21.02 -4.18
N ALA A 64 20.85 19.78 -4.06
CA ALA A 64 20.01 18.56 -4.02
C ALA A 64 19.36 18.44 -2.64
N LEU A 65 18.26 17.70 -2.59
CA LEU A 65 17.67 17.23 -1.34
C LEU A 65 18.42 15.96 -0.89
N VAL A 66 18.80 15.94 0.37
CA VAL A 66 19.48 14.77 1.02
C VAL A 66 18.76 14.53 2.36
N MET A 67 19.09 13.43 3.02
CA MET A 67 18.42 13.10 4.30
C MET A 67 19.43 12.39 5.19
N LYS A 68 19.18 12.41 6.48
CA LYS A 68 19.80 11.48 7.44
C LYS A 68 18.70 10.61 8.03
N ILE A 69 19.03 9.36 8.30
CA ILE A 69 18.14 8.42 9.03
C ILE A 69 18.89 8.02 10.30
N GLY A 70 18.41 8.47 11.45
CA GLY A 70 19.08 8.24 12.77
C GLY A 70 20.53 8.66 12.73
N ASN A 71 21.45 7.74 13.02
CA ASN A 71 22.92 7.97 13.08
C ASN A 71 23.57 7.78 11.70
N SER A 72 22.84 7.79 10.55
CA SER A 72 23.44 7.55 9.22
C SER A 72 24.25 8.78 8.77
N GLY A 73 25.06 8.62 7.75
CA GLY A 73 25.63 9.77 7.01
C GLY A 73 24.51 10.42 6.19
N THR A 74 24.83 11.45 5.41
CA THR A 74 23.85 11.97 4.42
C THR A 74 23.63 10.92 3.32
N ILE A 75 22.38 10.77 2.92
CA ILE A 75 21.89 9.88 1.84
C ILE A 75 21.19 10.74 0.79
N PRO A 76 21.54 10.63 -0.50
CA PRO A 76 20.81 11.42 -1.50
C PRO A 76 19.33 11.02 -1.59
N VAL A 77 18.46 12.01 -1.75
CA VAL A 77 17.01 11.83 -2.02
C VAL A 77 16.74 12.34 -3.43
N ASN A 78 17.32 13.49 -3.79
CA ASN A 78 17.03 14.13 -5.10
C ASN A 78 15.51 14.25 -5.29
N THR A 79 14.95 13.82 -6.44
CA THR A 79 13.51 13.98 -6.72
C THR A 79 12.67 13.02 -5.89
N GLY A 80 13.31 12.00 -5.32
CA GLY A 80 12.61 11.06 -4.44
C GLY A 80 13.15 9.65 -4.54
N LEU A 81 12.48 8.72 -3.83
CA LEU A 81 12.87 7.31 -3.70
C LEU A 81 11.59 6.51 -3.90
N PHE A 82 11.64 5.53 -4.79
CA PHE A 82 10.44 4.74 -5.13
C PHE A 82 10.53 3.38 -4.45
N ARG A 83 9.69 3.09 -3.45
CA ARG A 83 9.63 1.76 -2.79
C ARG A 83 11.05 1.34 -2.42
N TRP A 84 11.69 2.18 -1.60
CA TRP A 84 13.12 2.09 -1.27
C TRP A 84 13.29 1.48 0.11
N VAL A 85 14.29 0.63 0.22
CA VAL A 85 14.73 0.01 1.50
C VAL A 85 16.13 0.56 1.84
N ALA A 86 16.35 0.99 3.08
CA ALA A 86 17.64 1.54 3.57
C ALA A 86 18.69 0.43 3.61
N PRO A 87 19.99 0.79 3.53
CA PRO A 87 21.10 -0.14 3.81
C PRO A 87 20.99 -0.83 5.18
N ASN A 88 21.68 -1.97 5.33
CA ASN A 88 21.67 -2.73 6.62
C ASN A 88 22.00 -1.79 7.78
N ASN A 89 21.26 -1.94 8.88
CA ASN A 89 21.56 -1.29 10.19
C ASN A 89 21.25 0.21 10.11
N VAL A 90 20.67 0.71 9.01
CA VAL A 90 20.20 2.13 8.97
C VAL A 90 18.78 2.19 9.53
N GLN A 91 18.55 2.97 10.58
CA GLN A 91 17.21 3.15 11.20
C GLN A 91 17.16 4.42 12.05
N GLY A 92 15.95 4.92 12.33
CA GLY A 92 15.68 6.09 13.18
C GLY A 92 14.96 7.18 12.43
N ALA A 93 14.85 8.34 13.06
CA ALA A 93 14.07 9.49 12.59
C ALA A 93 14.66 9.98 11.27
N ILE A 94 13.81 10.33 10.32
CA ILE A 94 14.30 10.94 9.06
C ILE A 94 14.37 12.46 9.22
N THR A 95 15.52 13.04 8.87
CA THR A 95 15.70 14.51 8.77
C THR A 95 16.08 14.85 7.33
N LEU A 96 15.40 15.81 6.74
CA LEU A 96 15.64 16.23 5.32
C LEU A 96 16.50 17.49 5.34
N ILE A 97 17.45 17.60 4.44
CA ILE A 97 18.40 18.75 4.46
C ILE A 97 18.72 19.14 3.02
N TYR A 98 18.81 20.43 2.78
CA TYR A 98 19.27 21.01 1.51
C TYR A 98 20.78 20.80 1.46
N ASN A 99 21.29 20.34 0.33
CA ASN A 99 22.73 20.04 0.14
C ASN A 99 23.49 21.34 -0.16
N ASP A 100 24.20 21.86 0.84
CA ASP A 100 25.08 23.05 0.64
C ASP A 100 26.29 22.89 1.56
N VAL A 101 27.26 23.82 1.47
CA VAL A 101 28.49 23.80 2.31
C VAL A 101 28.14 24.36 3.69
N PRO A 102 28.57 23.70 4.79
CA PRO A 102 28.37 24.26 6.13
C PRO A 102 28.93 25.68 6.20
N GLY A 103 28.14 26.57 6.80
CA GLY A 103 28.45 27.99 6.99
C GLY A 103 27.96 28.85 5.84
N THR A 104 27.42 28.28 4.77
CA THR A 104 27.03 29.03 3.53
C THR A 104 25.51 29.04 3.31
N TYR A 105 24.71 28.71 4.32
CA TYR A 105 23.25 28.49 4.12
C TYR A 105 22.51 29.84 4.13
N GLY A 106 23.13 30.91 4.66
CA GLY A 106 22.47 32.19 4.91
C GLY A 106 21.97 32.88 3.65
N ASN A 107 22.59 32.65 2.51
CA ASN A 107 22.19 33.30 1.23
C ASN A 107 21.26 32.38 0.42
N ASN A 108 20.78 31.30 1.02
CA ASN A 108 19.93 30.32 0.27
C ASN A 108 18.49 30.81 0.20
N SER A 109 17.70 30.35 -0.76
CA SER A 109 16.30 30.81 -0.89
C SER A 109 15.44 29.69 -1.45
N GLY A 110 14.15 29.80 -1.20
CA GLY A 110 13.16 28.80 -1.63
C GLY A 110 13.24 27.53 -0.83
N SER A 111 12.58 26.47 -1.31
CA SER A 111 12.29 25.28 -0.49
C SER A 111 11.83 24.12 -1.37
N PHE A 112 11.95 22.91 -0.85
CA PHE A 112 11.30 21.74 -1.48
C PHE A 112 10.10 21.33 -0.63
N SER A 113 9.01 21.00 -1.31
N SER A 113 9.01 20.99 -1.30
CA SER A 113 7.82 20.31 -0.75
CA SER A 113 7.81 20.33 -0.72
C SER A 113 8.09 18.80 -0.83
C SER A 113 8.01 18.82 -0.84
N VAL A 114 8.02 18.10 0.30
CA VAL A 114 8.39 16.67 0.35
C VAL A 114 7.23 15.89 0.97
N ASN A 115 6.90 14.74 0.36
CA ASN A 115 5.96 13.72 0.89
C ASN A 115 6.80 12.48 1.20
N ILE A 116 6.64 11.94 2.41
CA ILE A 116 7.23 10.62 2.78
C ILE A 116 6.06 9.70 3.21
N GLY A 117 6.03 8.48 2.73
CA GLY A 117 5.08 7.48 3.25
C GLY A 117 5.72 6.13 3.38
N LYS A 118 5.17 5.28 4.23
CA LYS A 118 5.60 3.87 4.26
C LYS A 118 4.69 3.11 3.29
N ASP A 119 5.29 2.18 2.57
CA ASP A 119 4.60 1.39 1.53
C ASP A 119 4.27 0.01 2.09
N GLN A 120 3.47 -0.72 1.34
CA GLN A 120 3.14 -2.10 1.70
C GLN A 120 4.47 -2.89 1.68
N SER A 121 4.63 -3.79 2.64
CA SER A 121 5.75 -4.76 2.72
C SER A 121 5.28 -6.02 3.46
N ALA B 1 3.79 -2.50 -11.06
CA ALA B 1 4.55 -1.23 -11.20
C ALA B 1 5.18 -1.17 -12.62
N TRP B 2 5.57 0.00 -13.08
CA TRP B 2 6.24 0.17 -14.39
C TRP B 2 7.51 0.98 -14.17
N LYS B 3 8.60 0.61 -14.85
CA LYS B 3 9.87 1.38 -14.81
C LYS B 3 10.34 1.54 -16.25
N GLY B 4 10.73 2.75 -16.62
CA GLY B 4 11.27 2.98 -17.97
C GLY B 4 11.84 4.36 -18.15
N GLU B 5 12.12 4.68 -19.41
CA GLU B 5 12.87 5.90 -19.84
C GLU B 5 11.91 6.65 -20.77
N VAL B 6 11.90 7.96 -20.71
CA VAL B 6 11.21 8.83 -21.69
C VAL B 6 12.30 9.69 -22.33
N LEU B 7 12.48 9.62 -23.64
CA LEU B 7 13.48 10.45 -24.35
C LEU B 7 12.88 11.83 -24.63
N ALA B 8 13.70 12.86 -24.42
CA ALA B 8 13.32 14.27 -24.63
C ALA B 8 13.00 14.48 -26.11
N ASN B 9 13.63 13.73 -27.01
CA ASN B 9 13.48 13.96 -28.50
C ASN B 9 12.34 13.14 -29.07
N ASN B 10 11.54 12.50 -28.23
CA ASN B 10 10.41 11.64 -28.70
C ASN B 10 9.11 12.45 -28.55
N GLU B 11 8.66 13.01 -29.67
CA GLU B 11 7.46 13.86 -29.72
C GLU B 11 6.17 13.08 -29.40
N ALA B 12 6.14 11.76 -29.62
CA ALA B 12 4.95 10.91 -29.39
C ALA B 12 4.88 10.48 -27.91
N GLY B 13 5.97 10.57 -27.17
CA GLY B 13 6.03 10.07 -25.78
C GLY B 13 6.07 8.56 -25.72
N GLN B 14 6.19 8.04 -24.50
CA GLN B 14 6.35 6.59 -24.22
C GLN B 14 5.11 6.11 -23.47
N VAL B 15 4.36 5.19 -24.06
CA VAL B 15 3.19 4.57 -23.39
C VAL B 15 3.74 3.67 -22.29
N THR B 16 3.06 3.60 -21.17
CA THR B 16 3.49 2.71 -20.07
C THR B 16 2.51 1.55 -20.02
N SER B 17 2.77 0.57 -19.16
CA SER B 17 1.89 -0.59 -18.91
C SER B 17 0.78 -0.21 -17.91
N ILE B 18 0.82 0.99 -17.33
CA ILE B 18 -0.16 1.40 -16.29
C ILE B 18 -1.43 1.84 -17.02
N ILE B 19 -2.55 1.14 -16.79
CA ILE B 19 -3.91 1.59 -17.19
C ILE B 19 -4.52 2.25 -15.96
N TYR B 20 -4.70 3.56 -16.01
CA TYR B 20 -5.35 4.33 -14.94
C TYR B 20 -6.86 4.10 -15.01
N ASN B 21 -7.43 3.59 -13.93
CA ASN B 21 -8.89 3.34 -13.80
C ASN B 21 -9.47 4.28 -12.76
N PRO B 22 -10.79 4.55 -12.83
CA PRO B 22 -11.44 5.45 -11.88
C PRO B 22 -11.16 5.00 -10.44
N GLY B 23 -10.69 5.93 -9.62
CA GLY B 23 -10.42 5.69 -8.21
C GLY B 23 -8.98 5.25 -7.96
N ASP B 24 -8.18 4.92 -8.99
CA ASP B 24 -6.79 4.46 -8.75
C ASP B 24 -6.00 5.58 -8.06
N VAL B 25 -5.19 5.18 -7.08
CA VAL B 25 -4.17 6.05 -6.44
C VAL B 25 -2.82 5.62 -7.02
N ILE B 26 -2.07 6.56 -7.59
CA ILE B 26 -0.77 6.23 -8.24
C ILE B 26 0.33 7.07 -7.62
N THR B 27 1.53 6.52 -7.61
CA THR B 27 2.74 7.28 -7.30
C THR B 27 3.66 7.26 -8.53
N ILE B 28 4.26 8.41 -8.83
CA ILE B 28 5.28 8.55 -9.90
C ILE B 28 6.50 9.21 -9.29
N VAL B 29 7.70 8.66 -9.53
CA VAL B 29 8.97 9.35 -9.25
C VAL B 29 9.74 9.41 -10.57
N ALA B 30 10.14 10.61 -10.99
CA ALA B 30 10.92 10.88 -12.21
C ALA B 30 12.27 11.44 -11.79
N ALA B 31 13.34 11.02 -12.47
CA ALA B 31 14.70 11.52 -12.26
C ALA B 31 15.39 11.68 -13.61
N GLY B 32 16.46 12.48 -13.63
CA GLY B 32 17.44 12.55 -14.73
C GLY B 32 17.51 13.93 -15.35
N TRP B 33 18.13 14.01 -16.53
CA TRP B 33 18.60 15.26 -17.13
C TRP B 33 18.25 15.25 -18.62
N ALA B 34 17.69 16.34 -19.09
CA ALA B 34 17.29 16.45 -20.51
C ALA B 34 17.38 17.90 -20.92
N SER B 35 17.42 18.13 -22.23
CA SER B 35 17.41 19.50 -22.78
C SER B 35 16.48 19.55 -23.99
N TYR B 36 15.89 20.73 -24.15
CA TYR B 36 15.05 21.13 -25.29
C TYR B 36 15.91 21.80 -26.37
N GLY B 37 17.24 21.77 -26.25
CA GLY B 37 18.09 22.40 -27.29
C GLY B 37 19.42 22.87 -26.74
N PRO B 38 19.43 23.73 -25.70
CA PRO B 38 20.69 24.24 -25.15
C PRO B 38 21.60 23.14 -24.60
N THR B 39 22.89 23.46 -24.41
N THR B 39 22.89 23.49 -24.45
CA THR B 39 23.90 22.50 -23.90
CA THR B 39 23.95 22.62 -23.88
C THR B 39 23.63 22.19 -22.43
C THR B 39 23.59 22.20 -22.45
N GLN B 40 23.09 23.14 -21.64
CA GLN B 40 22.64 22.92 -20.23
C GLN B 40 21.51 21.87 -20.26
N LYS B 41 21.40 21.02 -19.25
CA LYS B 41 20.25 20.09 -19.08
C LYS B 41 19.49 20.50 -17.83
N TRP B 42 18.23 20.12 -17.78
CA TRP B 42 17.30 20.42 -16.67
C TRP B 42 16.71 19.12 -16.17
N GLY B 43 16.25 19.14 -14.93
CA GLY B 43 15.49 18.05 -14.33
C GLY B 43 14.07 18.03 -14.87
N PRO B 44 13.28 17.10 -14.31
CA PRO B 44 11.91 16.84 -14.71
C PRO B 44 10.89 17.98 -14.50
N GLN B 45 11.25 19.04 -13.76
CA GLN B 45 10.42 20.24 -13.67
C GLN B 45 10.72 21.18 -14.85
N GLY B 46 11.79 20.92 -15.60
CA GLY B 46 12.12 21.71 -16.80
C GLY B 46 12.87 22.99 -16.46
N ASP B 47 12.72 23.99 -17.30
CA ASP B 47 13.49 25.26 -17.27
C ASP B 47 12.53 26.39 -16.89
N ARG B 48 12.60 26.88 -15.65
CA ARG B 48 11.74 27.99 -15.13
C ARG B 48 11.81 29.24 -16.03
N GLU B 49 12.97 29.53 -16.66
CA GLU B 49 13.20 30.81 -17.36
C GLU B 49 12.55 30.80 -18.75
N HIS B 50 12.40 29.65 -19.42
CA HIS B 50 12.11 29.62 -20.88
C HIS B 50 10.68 30.07 -21.20
N PRO B 51 10.49 31.03 -22.13
CA PRO B 51 9.14 31.43 -22.51
C PRO B 51 8.34 30.27 -23.16
N ASP B 52 7.01 30.40 -23.15
CA ASP B 52 6.08 29.39 -23.71
C ASP B 52 5.76 29.82 -25.14
N GLN B 53 6.35 29.16 -26.13
CA GLN B 53 6.16 29.45 -27.57
C GLN B 53 5.19 28.43 -28.18
N GLY B 54 4.37 27.79 -27.36
CA GLY B 54 3.33 26.85 -27.80
C GLY B 54 3.59 25.44 -27.30
N LEU B 55 3.87 25.31 -26.00
CA LEU B 55 4.20 24.00 -25.38
C LEU B 55 2.94 23.09 -25.43
N ILE B 56 3.16 21.78 -25.42
CA ILE B 56 2.04 20.79 -25.40
C ILE B 56 1.35 20.87 -24.03
N CYS B 57 2.00 21.41 -22.99
CA CYS B 57 1.44 21.58 -21.64
C CYS B 57 1.73 22.98 -21.13
N HIS B 58 0.74 23.87 -21.18
CA HIS B 58 0.94 25.28 -20.76
C HIS B 58 1.04 25.37 -19.23
N ASP B 59 0.66 24.31 -18.48
CA ASP B 59 0.72 24.31 -16.98
C ASP B 59 2.05 23.76 -16.45
N ALA B 60 3.07 23.64 -17.31
CA ALA B 60 4.40 23.21 -16.87
C ALA B 60 5.45 23.96 -17.67
N PHE B 61 6.68 23.92 -17.21
CA PHE B 61 7.82 24.59 -17.89
C PHE B 61 8.22 23.79 -19.14
N CYS B 62 8.88 24.49 -20.03
CA CYS B 62 9.60 23.85 -21.16
C CYS B 62 10.59 22.84 -20.56
N GLY B 63 10.59 21.62 -21.05
CA GLY B 63 11.51 20.56 -20.61
C GLY B 63 11.02 19.82 -19.39
N ALA B 64 9.79 20.06 -18.92
CA ALA B 64 9.17 19.29 -17.82
C ALA B 64 8.62 17.95 -18.35
N LEU B 65 8.55 16.94 -17.47
CA LEU B 65 7.79 15.69 -17.72
C LEU B 65 6.29 15.93 -17.52
N VAL B 66 5.48 15.57 -18.54
CA VAL B 66 4.01 15.58 -18.51
C VAL B 66 3.51 14.23 -18.97
N MET B 67 2.21 14.05 -18.88
CA MET B 67 1.57 12.79 -19.23
C MET B 67 0.21 13.06 -19.86
N LYS B 68 -0.27 12.03 -20.55
CA LYS B 68 -1.68 11.84 -20.93
C LYS B 68 -2.17 10.55 -20.30
N ILE B 69 -3.41 10.55 -19.88
CA ILE B 69 -4.12 9.35 -19.41
C ILE B 69 -5.21 9.11 -20.45
N GLY B 70 -5.12 7.97 -21.15
CA GLY B 70 -5.85 7.67 -22.39
C GLY B 70 -5.69 8.81 -23.39
N ASN B 71 -6.81 9.38 -23.79
CA ASN B 71 -6.88 10.45 -24.82
C ASN B 71 -7.09 11.80 -24.13
N SER B 72 -6.67 11.96 -22.86
CA SER B 72 -6.74 13.23 -22.11
C SER B 72 -5.85 14.30 -22.74
N GLY B 73 -6.09 15.54 -22.33
CA GLY B 73 -5.08 16.62 -22.43
C GLY B 73 -3.84 16.29 -21.61
N THR B 74 -2.78 17.07 -21.81
CA THR B 74 -1.54 16.91 -21.02
C THR B 74 -1.81 17.28 -19.55
N ILE B 75 -1.19 16.52 -18.67
CA ILE B 75 -1.19 16.69 -17.20
C ILE B 75 0.26 16.82 -16.73
N PRO B 76 0.62 17.82 -15.91
CA PRO B 76 1.98 17.93 -15.39
C PRO B 76 2.31 16.75 -14.44
N VAL B 77 3.51 16.21 -14.63
CA VAL B 77 4.12 15.23 -13.71
C VAL B 77 5.28 15.90 -12.96
N ASN B 78 6.19 16.53 -13.68
CA ASN B 78 7.35 17.20 -13.03
C ASN B 78 8.19 16.13 -12.32
N THR B 79 8.53 16.29 -11.03
CA THR B 79 9.33 15.29 -10.32
C THR B 79 8.51 14.06 -10.03
N GLY B 80 7.19 14.19 -10.06
CA GLY B 80 6.35 13.04 -9.74
C GLY B 80 5.13 13.41 -8.93
N LEU B 81 4.42 12.38 -8.54
CA LEU B 81 3.06 12.50 -7.95
C LEU B 81 3.01 11.53 -6.77
N PHE B 82 2.47 11.98 -5.65
CA PHE B 82 2.50 11.16 -4.41
C PHE B 82 1.06 10.75 -4.10
N ARG B 83 0.75 9.47 -4.25
CA ARG B 83 -0.59 8.95 -3.88
C ARG B 83 -1.65 9.89 -4.45
N TRP B 84 -1.65 10.03 -5.76
CA TRP B 84 -2.45 10.98 -6.57
C TRP B 84 -3.61 10.24 -7.22
N VAL B 85 -4.77 10.89 -7.21
CA VAL B 85 -6.03 10.41 -7.84
C VAL B 85 -6.32 11.41 -8.97
N ALA B 86 -6.66 10.93 -10.16
CA ALA B 86 -6.89 11.80 -11.34
C ALA B 86 -8.24 12.50 -11.23
N PRO B 87 -8.48 13.61 -11.97
CA PRO B 87 -9.83 14.18 -12.06
C PRO B 87 -10.83 13.13 -12.56
N ASN B 88 -12.09 13.26 -12.11
CA ASN B 88 -13.27 12.57 -12.69
C ASN B 88 -13.09 12.49 -14.21
N ASN B 89 -13.49 11.38 -14.81
CA ASN B 89 -13.66 11.21 -16.28
C ASN B 89 -12.30 11.32 -16.99
N VAL B 90 -11.22 10.87 -16.34
CA VAL B 90 -9.90 10.64 -17.00
C VAL B 90 -9.58 9.16 -16.79
N GLN B 91 -9.35 8.37 -17.84
CA GLN B 91 -8.99 6.93 -17.68
C GLN B 91 -8.24 6.43 -18.92
N GLY B 92 -7.50 5.33 -18.78
CA GLY B 92 -6.75 4.69 -19.85
C GLY B 92 -5.25 4.68 -19.59
N ALA B 93 -4.50 4.28 -20.61
CA ALA B 93 -3.05 4.02 -20.51
C ALA B 93 -2.34 5.34 -20.20
N ILE B 94 -1.39 5.31 -19.28
CA ILE B 94 -0.54 6.52 -19.06
C ILE B 94 0.53 6.61 -20.15
N THR B 95 0.63 7.77 -20.82
CA THR B 95 1.72 8.09 -21.75
C THR B 95 2.56 9.23 -21.17
N LEU B 96 3.87 9.03 -21.10
CA LEU B 96 4.81 10.06 -20.58
C LEU B 96 5.37 10.82 -21.78
N ILE B 97 5.47 12.14 -21.68
CA ILE B 97 5.93 13.00 -22.79
C ILE B 97 6.81 14.11 -22.23
N TYR B 98 7.88 14.43 -22.93
CA TYR B 98 8.68 15.66 -22.69
C TYR B 98 7.88 16.87 -23.16
N ASN B 99 7.84 17.91 -22.33
CA ASN B 99 7.11 19.16 -22.64
C ASN B 99 7.95 20.02 -23.58
N ASP B 100 7.60 20.11 -24.87
CA ASP B 100 8.28 21.07 -25.78
C ASP B 100 7.21 21.54 -26.74
N VAL B 101 7.59 22.35 -27.71
CA VAL B 101 6.69 22.86 -28.77
C VAL B 101 6.65 21.84 -29.91
N PRO B 102 5.45 21.47 -30.39
CA PRO B 102 5.33 20.55 -31.52
C PRO B 102 6.22 20.98 -32.70
N GLY B 103 6.92 20.03 -33.30
CA GLY B 103 7.83 20.30 -34.43
C GLY B 103 9.22 20.71 -33.99
N THR B 104 9.53 20.87 -32.68
CA THR B 104 10.84 21.39 -32.21
C THR B 104 11.54 20.33 -31.35
N TYR B 105 11.14 19.07 -31.42
CA TYR B 105 11.76 18.00 -30.56
C TYR B 105 13.09 17.50 -31.17
N GLY B 106 13.39 17.84 -32.43
CA GLY B 106 14.56 17.20 -33.07
C GLY B 106 15.92 17.61 -32.46
N ASN B 107 16.03 18.78 -31.86
CA ASN B 107 17.31 19.24 -31.23
C ASN B 107 17.34 18.88 -29.74
N ASN B 108 16.42 18.03 -29.25
CA ASN B 108 16.34 17.73 -27.80
C ASN B 108 17.27 16.59 -27.46
N SER B 109 17.69 16.47 -26.20
CA SER B 109 18.62 15.38 -25.83
C SER B 109 18.37 14.96 -24.40
N GLY B 110 18.85 13.78 -24.06
CA GLY B 110 18.74 13.26 -22.69
C GLY B 110 17.42 12.55 -22.51
N SER B 111 17.09 12.19 -21.27
CA SER B 111 15.89 11.41 -20.96
C SER B 111 15.59 11.46 -19.46
N PHE B 112 14.39 11.06 -19.07
CA PHE B 112 14.07 10.86 -17.64
C PHE B 112 13.80 9.39 -17.40
N SER B 113 14.27 8.87 -16.27
N SER B 113 14.26 8.90 -16.26
CA SER B 113 13.96 7.52 -15.75
CA SER B 113 13.96 7.55 -15.74
C SER B 113 12.75 7.65 -14.83
C SER B 113 12.70 7.69 -14.86
N VAL B 114 11.70 6.86 -15.07
CA VAL B 114 10.41 7.04 -14.37
C VAL B 114 9.97 5.72 -13.78
N ASN B 115 9.49 5.78 -12.54
CA ASN B 115 8.79 4.68 -11.85
C ASN B 115 7.34 5.09 -11.63
N ILE B 116 6.40 4.17 -11.92
CA ILE B 116 4.97 4.37 -11.62
C ILE B 116 4.47 3.10 -10.97
N GLY B 117 3.67 3.26 -9.93
CA GLY B 117 2.95 2.13 -9.33
C GLY B 117 1.60 2.58 -8.84
N LYS B 118 0.72 1.62 -8.67
CA LYS B 118 -0.59 1.87 -8.05
C LYS B 118 -0.42 1.69 -6.54
N ASP B 119 -1.16 2.47 -5.77
CA ASP B 119 -1.04 2.46 -4.30
C ASP B 119 -2.29 1.84 -3.69
N GLN B 120 -2.20 1.57 -2.40
CA GLN B 120 -3.32 1.04 -1.60
C GLN B 120 -4.37 2.13 -1.57
N SER B 121 -5.64 1.75 -1.69
CA SER B 121 -6.82 2.65 -1.62
C SER B 121 -8.00 1.87 -1.05
N ALA C 1 -11.34 2.07 0.26
CA ALA C 1 -11.68 0.76 0.75
C ALA C 1 -13.19 0.74 0.99
N TRP C 2 -13.79 -0.43 1.09
CA TRP C 2 -15.24 -0.56 1.32
C TRP C 2 -15.41 -1.27 2.65
N LYS C 3 -16.29 -0.76 3.48
CA LYS C 3 -16.63 -1.37 4.77
C LYS C 3 -18.14 -1.57 4.84
N GLY C 4 -18.57 -2.80 5.01
CA GLY C 4 -20.00 -3.11 5.10
C GLY C 4 -20.33 -4.41 5.78
N GLU C 5 -21.60 -4.78 5.71
CA GLU C 5 -22.18 -6.01 6.32
C GLU C 5 -22.78 -6.80 5.16
N VAL C 6 -22.72 -8.11 5.27
CA VAL C 6 -23.46 -9.03 4.39
C VAL C 6 -24.50 -9.72 5.27
N LEU C 7 -25.76 -9.42 5.07
CA LEU C 7 -26.85 -10.09 5.84
C LEU C 7 -27.06 -11.51 5.28
N ALA C 8 -27.08 -12.50 6.16
CA ALA C 8 -27.34 -13.91 5.80
C ALA C 8 -28.69 -14.05 5.08
N ASN C 9 -29.71 -13.22 5.38
CA ASN C 9 -31.08 -13.40 4.81
C ASN C 9 -31.24 -12.63 3.48
N ASN C 10 -30.16 -12.04 2.93
CA ASN C 10 -30.26 -11.19 1.70
C ASN C 10 -29.87 -12.04 0.48
N GLU C 11 -30.85 -12.61 -0.21
CA GLU C 11 -30.59 -13.54 -1.34
C GLU C 11 -29.84 -12.83 -2.46
N ALA C 12 -30.17 -11.57 -2.74
CA ALA C 12 -29.59 -10.80 -3.87
C ALA C 12 -28.14 -10.44 -3.55
N GLY C 13 -27.75 -10.38 -2.27
CA GLY C 13 -26.37 -10.02 -1.90
C GLY C 13 -26.17 -8.51 -1.83
N GLN C 14 -24.97 -8.10 -1.44
CA GLN C 14 -24.59 -6.68 -1.19
C GLN C 14 -23.62 -6.26 -2.31
N VAL C 15 -24.03 -5.35 -3.18
CA VAL C 15 -23.13 -4.71 -4.17
C VAL C 15 -22.21 -3.78 -3.37
N THR C 16 -20.90 -3.87 -3.59
CA THR C 16 -19.91 -2.97 -2.93
C THR C 16 -19.58 -1.81 -3.87
N SER C 17 -18.76 -0.88 -3.42
CA SER C 17 -18.28 0.25 -4.24
C SER C 17 -17.05 -0.18 -5.02
N ILE C 18 -16.58 -1.40 -4.79
CA ILE C 18 -15.28 -1.82 -5.37
C ILE C 18 -15.57 -2.32 -6.78
N ILE C 19 -14.93 -1.70 -7.77
CA ILE C 19 -14.83 -2.21 -9.16
C ILE C 19 -13.48 -2.91 -9.31
N TYR C 20 -13.49 -4.23 -9.42
CA TYR C 20 -12.26 -4.99 -9.66
C TYR C 20 -11.84 -4.82 -11.13
N ASN C 21 -10.65 -4.28 -11.39
CA ASN C 21 -10.09 -4.06 -12.75
C ASN C 21 -8.92 -5.01 -12.97
N PRO C 22 -8.56 -5.36 -14.23
CA PRO C 22 -7.36 -6.18 -14.47
C PRO C 22 -6.08 -5.61 -13.83
N GLY C 23 -5.30 -6.50 -13.19
CA GLY C 23 -4.05 -6.16 -12.50
C GLY C 23 -4.30 -5.75 -11.05
N ASP C 24 -5.56 -5.55 -10.64
CA ASP C 24 -5.85 -5.12 -9.25
C ASP C 24 -5.41 -6.24 -8.30
N VAL C 25 -4.83 -5.85 -7.19
CA VAL C 25 -4.56 -6.73 -6.00
C VAL C 25 -5.54 -6.27 -4.92
N ILE C 26 -6.28 -7.19 -4.31
CA ILE C 26 -7.28 -6.81 -3.26
C ILE C 26 -7.06 -7.64 -2.02
N THR C 27 -7.49 -7.08 -0.90
CA THR C 27 -7.52 -7.78 0.39
C THR C 27 -8.97 -7.70 0.86
N ILE C 28 -9.49 -8.82 1.33
CA ILE C 28 -10.80 -8.89 2.00
C ILE C 28 -10.58 -9.52 3.37
N VAL C 29 -11.15 -8.93 4.41
CA VAL C 29 -11.27 -9.56 5.76
C VAL C 29 -12.76 -9.63 6.13
N ALA C 30 -13.23 -10.83 6.41
CA ALA C 30 -14.63 -11.08 6.81
C ALA C 30 -14.68 -11.63 8.22
N ALA C 31 -15.63 -11.16 9.01
CA ALA C 31 -15.76 -11.60 10.41
C ALA C 31 -17.24 -11.77 10.74
N GLY C 32 -17.52 -12.54 11.77
CA GLY C 32 -18.85 -12.53 12.40
C GLY C 32 -19.49 -13.89 12.36
N TRP C 33 -20.76 -13.93 12.71
CA TRP C 33 -21.57 -15.14 12.98
C TRP C 33 -22.89 -15.03 12.24
N ALA C 34 -23.27 -16.10 11.55
CA ALA C 34 -24.49 -16.14 10.76
C ALA C 34 -25.03 -17.56 10.70
N SER C 35 -26.32 -17.68 10.43
CA SER C 35 -27.01 -18.98 10.32
C SER C 35 -27.81 -19.05 9.03
N TYR C 36 -27.87 -20.24 8.44
CA TYR C 36 -28.68 -20.61 7.25
C TYR C 36 -30.02 -21.19 7.71
N GLY C 37 -30.28 -21.19 9.02
CA GLY C 37 -31.58 -21.66 9.55
C GLY C 37 -31.49 -22.09 11.01
N PRO C 38 -30.61 -23.04 11.36
CA PRO C 38 -30.51 -23.47 12.76
C PRO C 38 -30.22 -22.37 13.80
N THR C 39 -30.49 -22.69 15.08
N THR C 39 -30.45 -22.68 15.08
CA THR C 39 -30.13 -21.86 16.25
CA THR C 39 -30.13 -21.79 16.23
C THR C 39 -28.62 -21.57 16.27
C THR C 39 -28.61 -21.59 16.35
N GLN C 40 -27.79 -22.61 16.08
CA GLN C 40 -26.30 -22.47 16.02
C GLN C 40 -25.91 -21.42 14.99
N LYS C 41 -24.70 -20.86 15.10
CA LYS C 41 -24.20 -19.97 14.03
C LYS C 41 -22.80 -20.42 13.63
N TRP C 42 -22.42 -20.03 12.43
CA TRP C 42 -21.09 -20.32 11.85
C TRP C 42 -20.43 -19.02 11.38
N GLY C 43 -19.11 -19.08 11.34
CA GLY C 43 -18.23 -18.04 10.80
C GLY C 43 -18.29 -18.02 9.27
N PRO C 44 -17.47 -17.16 8.64
CA PRO C 44 -17.46 -16.99 7.19
C PRO C 44 -16.97 -18.13 6.29
N GLN C 45 -16.38 -19.19 6.85
CA GLN C 45 -16.13 -20.43 6.08
C GLN C 45 -17.38 -21.32 6.05
N GLY C 46 -18.40 -20.97 6.81
CA GLY C 46 -19.68 -21.72 6.94
C GLY C 46 -19.56 -23.05 7.65
N ASP C 47 -20.52 -23.93 7.38
CA ASP C 47 -20.68 -25.19 8.15
C ASP C 47 -20.03 -26.31 7.35
N ARG C 48 -18.88 -26.78 7.81
CA ARG C 48 -18.10 -27.83 7.10
C ARG C 48 -18.86 -29.16 7.08
N GLU C 49 -19.85 -29.34 7.95
CA GLU C 49 -20.56 -30.65 8.10
C GLU C 49 -21.85 -30.68 7.28
N HIS C 50 -22.18 -29.62 6.54
CA HIS C 50 -23.52 -29.53 5.93
C HIS C 50 -23.38 -29.98 4.47
N PRO C 51 -24.35 -30.73 3.93
CA PRO C 51 -24.32 -31.14 2.52
C PRO C 51 -24.66 -29.94 1.64
N ASP C 52 -24.41 -30.09 0.35
CA ASP C 52 -24.79 -29.11 -0.70
C ASP C 52 -26.16 -29.51 -1.25
N GLN C 53 -27.21 -28.77 -0.89
CA GLN C 53 -28.62 -29.04 -1.28
C GLN C 53 -29.02 -28.08 -2.42
N GLY C 54 -28.04 -27.51 -3.15
CA GLY C 54 -28.30 -26.55 -4.23
C GLY C 54 -27.75 -25.16 -3.93
N LEU C 55 -26.54 -25.09 -3.38
CA LEU C 55 -25.91 -23.80 -3.00
C LEU C 55 -25.60 -22.95 -4.22
N ILE C 56 -25.55 -21.64 -4.04
CA ILE C 56 -25.18 -20.73 -5.16
C ILE C 56 -23.69 -20.87 -5.45
N CYS C 57 -22.88 -21.36 -4.50
CA CYS C 57 -21.44 -21.60 -4.70
C CYS C 57 -21.11 -23.04 -4.31
N HIS C 58 -20.70 -23.85 -5.27
CA HIS C 58 -20.57 -25.31 -5.04
C HIS C 58 -19.19 -25.68 -4.54
N ASP C 59 -18.25 -24.72 -4.41
CA ASP C 59 -16.91 -25.00 -3.85
C ASP C 59 -16.66 -24.16 -2.58
N ALA C 60 -17.73 -23.86 -1.87
CA ALA C 60 -17.67 -23.31 -0.49
C ALA C 60 -18.80 -23.96 0.30
N PHE C 61 -18.64 -24.09 1.60
CA PHE C 61 -19.66 -24.68 2.47
C PHE C 61 -20.90 -23.79 2.53
N CYS C 62 -21.99 -24.46 2.88
CA CYS C 62 -23.22 -23.78 3.29
C CYS C 62 -22.88 -22.75 4.38
N GLY C 63 -23.32 -21.51 4.20
CA GLY C 63 -23.13 -20.49 5.24
C GLY C 63 -21.82 -19.77 5.07
N ALA C 64 -21.06 -20.04 4.01
CA ALA C 64 -19.81 -19.32 3.74
C ALA C 64 -20.07 -17.94 3.10
N LEU C 65 -19.09 -17.04 3.17
CA LEU C 65 -19.12 -15.80 2.38
C LEU C 65 -18.57 -16.08 0.97
N VAL C 66 -19.26 -15.63 -0.08
CA VAL C 66 -18.80 -15.83 -1.47
C VAL C 66 -19.02 -14.50 -2.19
N MET C 67 -18.45 -14.35 -3.37
CA MET C 67 -18.63 -13.08 -4.09
C MET C 67 -18.78 -13.36 -5.58
N LYS C 68 -19.32 -12.37 -6.30
CA LYS C 68 -19.24 -12.30 -7.78
C LYS C 68 -18.45 -11.05 -8.14
N ILE C 69 -17.58 -11.15 -9.14
CA ILE C 69 -16.88 -10.00 -9.79
C ILE C 69 -17.48 -9.85 -11.18
N GLY C 70 -18.20 -8.76 -11.43
CA GLY C 70 -18.89 -8.54 -12.72
C GLY C 70 -19.71 -9.76 -13.11
N ASN C 71 -19.32 -10.42 -14.20
CA ASN C 71 -19.98 -11.57 -14.85
C ASN C 71 -19.36 -12.89 -14.38
N SER C 72 -18.62 -12.90 -13.28
CA SER C 72 -17.97 -14.16 -12.84
C SER C 72 -19.04 -15.11 -12.29
N GLY C 73 -18.67 -16.37 -12.14
CA GLY C 73 -19.42 -17.28 -11.26
C GLY C 73 -19.17 -16.88 -9.81
N THR C 74 -19.73 -17.63 -8.87
CA THR C 74 -19.49 -17.37 -7.44
C THR C 74 -18.05 -17.78 -7.16
N ILE C 75 -17.34 -16.94 -6.40
CA ILE C 75 -15.94 -17.21 -5.94
C ILE C 75 -15.98 -17.27 -4.42
N PRO C 76 -15.41 -18.32 -3.81
CA PRO C 76 -15.31 -18.39 -2.36
C PRO C 76 -14.44 -17.25 -1.81
N VAL C 77 -14.94 -16.59 -0.76
CA VAL C 77 -14.16 -15.59 0.01
C VAL C 77 -13.81 -16.20 1.37
N ASN C 78 -14.77 -16.81 2.06
CA ASN C 78 -14.54 -17.46 3.38
C ASN C 78 -14.06 -16.34 4.32
N THR C 79 -13.02 -16.57 5.15
CA THR C 79 -12.50 -15.53 6.08
C THR C 79 -11.86 -14.34 5.35
N GLY C 80 -11.51 -14.49 4.07
CA GLY C 80 -11.01 -13.37 3.26
C GLY C 80 -9.90 -13.76 2.34
N LEU C 81 -9.27 -12.75 1.75
CA LEU C 81 -8.32 -12.92 0.62
C LEU C 81 -7.17 -11.97 0.89
N PHE C 82 -5.94 -12.44 0.81
CA PHE C 82 -4.77 -11.62 1.16
C PHE C 82 -4.00 -11.30 -0.11
N ARG C 83 -3.89 -10.01 -0.46
CA ARG C 83 -3.17 -9.53 -1.67
C ARG C 83 -3.41 -10.49 -2.84
N TRP C 84 -4.67 -10.57 -3.22
CA TRP C 84 -5.22 -11.57 -4.15
C TRP C 84 -5.50 -10.92 -5.50
N VAL C 85 -5.17 -11.64 -6.55
CA VAL C 85 -5.45 -11.28 -7.96
C VAL C 85 -6.47 -12.27 -8.50
N ALA C 86 -7.53 -11.77 -9.12
CA ALA C 86 -8.66 -12.59 -9.59
C ALA C 86 -8.17 -13.47 -10.73
N PRO C 87 -8.52 -14.77 -10.72
CA PRO C 87 -8.15 -15.65 -11.82
C PRO C 87 -9.05 -15.31 -13.03
N ASN C 88 -8.63 -15.70 -14.22
CA ASN C 88 -9.50 -15.68 -15.43
C ASN C 88 -9.74 -14.23 -15.88
N ASN C 89 -8.94 -13.28 -15.42
CA ASN C 89 -9.05 -11.85 -15.79
C ASN C 89 -10.51 -11.37 -15.70
N VAL C 90 -11.27 -11.76 -14.66
CA VAL C 90 -12.66 -11.23 -14.41
C VAL C 90 -12.53 -9.75 -14.04
N GLN C 91 -13.58 -8.98 -14.27
CA GLN C 91 -13.60 -7.55 -13.88
C GLN C 91 -15.03 -7.08 -13.68
N GLY C 92 -15.17 -5.99 -12.93
CA GLY C 92 -16.46 -5.34 -12.61
C GLY C 92 -16.71 -5.26 -11.12
N ALA C 93 -17.91 -4.83 -10.75
CA ALA C 93 -18.34 -4.58 -9.35
C ALA C 93 -18.26 -5.88 -8.56
N ILE C 94 -17.77 -5.80 -7.31
CA ILE C 94 -17.83 -6.96 -6.37
C ILE C 94 -19.20 -6.93 -5.67
N THR C 95 -19.90 -8.06 -5.71
CA THR C 95 -21.13 -8.34 -4.93
C THR C 95 -20.78 -9.42 -3.92
N LEU C 96 -21.11 -9.21 -2.65
CA LEU C 96 -20.89 -10.22 -1.60
C LEU C 96 -22.22 -10.92 -1.32
N ILE C 97 -22.18 -12.22 -1.06
CA ILE C 97 -23.42 -13.02 -0.87
C ILE C 97 -23.15 -14.08 0.18
N TYR C 98 -24.12 -14.32 1.03
CA TYR C 98 -24.10 -15.49 1.93
C TYR C 98 -24.46 -16.73 1.12
N ASN C 99 -23.71 -17.81 1.30
CA ASN C 99 -23.88 -19.05 0.51
C ASN C 99 -25.02 -19.86 1.10
N ASP C 100 -26.16 -19.84 0.43
CA ASP C 100 -27.32 -20.67 0.85
C ASP C 100 -28.04 -21.16 -0.40
N VAL C 101 -29.06 -21.99 -0.22
CA VAL C 101 -29.81 -22.54 -1.39
C VAL C 101 -30.76 -21.44 -1.81
N PRO C 102 -30.84 -21.09 -3.11
CA PRO C 102 -31.88 -20.16 -3.54
C PRO C 102 -33.29 -20.56 -3.08
N GLY C 103 -34.06 -19.56 -2.65
CA GLY C 103 -35.41 -19.68 -2.08
C GLY C 103 -35.43 -20.01 -0.60
N THR C 104 -34.29 -20.24 0.04
CA THR C 104 -34.21 -20.63 1.48
C THR C 104 -33.52 -19.54 2.32
N TYR C 105 -33.50 -18.30 1.87
CA TYR C 105 -32.77 -17.25 2.62
C TYR C 105 -33.66 -16.70 3.76
N GLY C 106 -34.99 -16.90 3.69
CA GLY C 106 -35.97 -16.27 4.59
C GLY C 106 -35.70 -16.62 6.04
N ASN C 107 -35.14 -17.81 6.31
CA ASN C 107 -34.99 -18.25 7.73
C ASN C 107 -33.55 -17.98 8.20
N ASN C 108 -32.76 -17.23 7.44
CA ASN C 108 -31.34 -16.97 7.82
C ASN C 108 -31.30 -15.86 8.87
N SER C 109 -30.19 -15.76 9.60
CA SER C 109 -30.00 -14.71 10.60
C SER C 109 -28.52 -14.40 10.74
N GLY C 110 -28.23 -13.24 11.32
CA GLY C 110 -26.83 -12.80 11.47
C GLY C 110 -26.28 -12.21 10.19
N SER C 111 -24.99 -11.83 10.27
CA SER C 111 -24.32 -11.02 9.23
C SER C 111 -22.81 -11.23 9.37
N PHE C 112 -22.11 -11.02 8.28
CA PHE C 112 -20.65 -10.90 8.30
C PHE C 112 -20.26 -9.43 8.12
N SER C 113 -19.31 -8.97 8.93
N SER C 113 -19.36 -8.97 8.97
CA SER C 113 -18.70 -7.62 8.78
CA SER C 113 -18.62 -7.69 8.80
C SER C 113 -17.52 -7.77 7.83
C SER C 113 -17.60 -7.93 7.70
N VAL C 114 -17.52 -7.03 6.71
CA VAL C 114 -16.53 -7.25 5.60
C VAL C 114 -15.84 -5.92 5.28
N ASN C 115 -14.52 -6.00 5.08
CA ASN C 115 -13.68 -4.87 4.64
C ASN C 115 -12.97 -5.31 3.36
N ILE C 116 -13.04 -4.50 2.33
CA ILE C 116 -12.31 -4.79 1.06
C ILE C 116 -11.44 -3.58 0.74
N GLY C 117 -10.21 -3.81 0.34
CA GLY C 117 -9.38 -2.69 -0.17
C GLY C 117 -8.53 -3.11 -1.34
N LYS C 118 -8.11 -2.16 -2.16
CA LYS C 118 -7.12 -2.45 -3.21
C LYS C 118 -5.73 -2.24 -2.60
N ASP C 119 -4.78 -3.05 -3.02
CA ASP C 119 -3.42 -3.07 -2.46
C ASP C 119 -2.48 -2.49 -3.49
N GLN C 120 -1.27 -2.22 -3.04
CA GLN C 120 -0.18 -1.74 -3.90
C GLN C 120 0.10 -2.79 -5.00
N SER C 121 0.31 -2.33 -6.22
CA SER C 121 0.74 -3.20 -7.36
C SER C 121 1.68 -2.44 -8.31
N ALA D 1 6.16 -9.24 4.20
CA ALA D 1 5.00 -10.09 4.55
C ALA D 1 5.47 -11.42 5.14
N TRP D 2 4.57 -12.15 5.79
CA TRP D 2 4.86 -13.46 6.40
C TRP D 2 3.67 -14.36 6.10
N LYS D 3 3.95 -15.62 5.77
CA LYS D 3 2.94 -16.65 5.54
C LYS D 3 3.40 -17.92 6.25
N GLY D 4 2.48 -18.58 6.94
CA GLY D 4 2.82 -19.85 7.59
C GLY D 4 1.61 -20.48 8.22
N GLU D 5 1.85 -21.57 8.94
CA GLU D 5 0.83 -22.38 9.62
C GLU D 5 1.01 -22.15 11.13
N VAL D 6 -0.11 -22.09 11.83
CA VAL D 6 -0.13 -22.04 13.31
C VAL D 6 -0.80 -23.33 13.74
N LEU D 7 -0.05 -24.27 14.31
CA LEU D 7 -0.65 -25.55 14.75
C LEU D 7 -1.45 -25.31 16.03
N ALA D 8 -2.61 -25.95 16.14
CA ALA D 8 -3.49 -25.87 17.32
C ALA D 8 -2.77 -26.44 18.56
N ASN D 9 -1.87 -27.41 18.36
CA ASN D 9 -1.23 -28.14 19.49
C ASN D 9 0.08 -27.46 19.91
N ASN D 10 0.39 -26.27 19.38
CA ASN D 10 1.67 -25.55 19.65
C ASN D 10 1.40 -24.55 20.78
N GLU D 11 1.66 -24.95 22.03
CA GLU D 11 1.37 -24.08 23.21
C GLU D 11 2.27 -22.84 23.18
N ALA D 12 3.49 -22.93 22.67
CA ALA D 12 4.48 -21.82 22.66
C ALA D 12 4.09 -20.79 21.59
N GLY D 13 3.29 -21.19 20.61
CA GLY D 13 2.85 -20.30 19.53
C GLY D 13 3.85 -20.26 18.39
N GLN D 14 3.48 -19.62 17.28
CA GLN D 14 4.30 -19.53 16.06
C GLN D 14 4.93 -18.13 16.05
N VAL D 15 6.25 -18.07 16.17
CA VAL D 15 7.00 -16.79 16.04
C VAL D 15 6.96 -16.42 14.57
N THR D 16 6.60 -15.19 14.28
CA THR D 16 6.63 -14.68 12.90
C THR D 16 7.87 -13.78 12.79
N SER D 17 8.21 -13.44 11.56
CA SER D 17 9.34 -12.53 11.25
C SER D 17 8.87 -11.07 11.38
N ILE D 18 7.58 -10.83 11.67
CA ILE D 18 7.00 -9.46 11.64
C ILE D 18 7.25 -8.78 12.99
N ILE D 19 7.99 -7.68 12.97
CA ILE D 19 8.15 -6.79 14.15
C ILE D 19 7.18 -5.63 14.00
N TYR D 20 6.17 -5.58 14.86
CA TYR D 20 5.22 -4.45 14.96
C TYR D 20 5.94 -3.24 15.58
N ASN D 21 6.05 -2.12 14.85
CA ASN D 21 6.69 -0.86 15.34
C ASN D 21 5.60 0.20 15.48
N PRO D 22 5.76 1.15 16.41
CA PRO D 22 4.81 2.24 16.57
C PRO D 22 4.39 2.81 15.21
N GLY D 23 3.07 3.02 15.03
CA GLY D 23 2.48 3.60 13.82
C GLY D 23 2.22 2.58 12.70
N ASP D 24 2.75 1.35 12.79
CA ASP D 24 2.56 0.34 11.73
C ASP D 24 1.06 0.04 11.58
N VAL D 25 0.66 -0.09 10.33
CA VAL D 25 -0.68 -0.61 9.91
C VAL D 25 -0.45 -2.03 9.40
N ILE D 26 -1.19 -2.99 9.92
CA ILE D 26 -0.95 -4.40 9.52
C ILE D 26 -2.27 -5.02 9.13
N THR D 27 -2.19 -6.01 8.24
CA THR D 27 -3.33 -6.84 7.82
C THR D 27 -3.00 -8.29 8.14
N ILE D 28 -3.96 -9.00 8.72
CA ILE D 28 -3.83 -10.45 8.99
C ILE D 28 -5.06 -11.10 8.37
N VAL D 29 -4.86 -12.15 7.56
CA VAL D 29 -5.94 -13.03 7.14
C VAL D 29 -5.59 -14.44 7.62
N ALA D 30 -6.55 -15.11 8.25
CA ALA D 30 -6.36 -16.48 8.79
C ALA D 30 -7.49 -17.34 8.25
N ALA D 31 -7.18 -18.59 7.92
CA ALA D 31 -8.14 -19.56 7.35
C ALA D 31 -7.82 -20.94 7.91
N GLY D 32 -8.79 -21.83 7.82
CA GLY D 32 -8.57 -23.26 8.09
C GLY D 32 -9.41 -23.74 9.26
N TRP D 33 -9.11 -24.96 9.73
CA TRP D 33 -9.97 -25.72 10.66
C TRP D 33 -9.05 -26.36 11.67
N ALA D 34 -9.45 -26.33 12.94
CA ALA D 34 -8.64 -26.88 14.04
C ALA D 34 -9.58 -27.25 15.17
N SER D 35 -9.08 -28.06 16.09
CA SER D 35 -9.88 -28.52 17.23
C SER D 35 -9.03 -28.43 18.48
N TYR D 36 -9.70 -28.12 19.58
CA TYR D 36 -9.11 -28.07 20.93
C TYR D 36 -9.25 -29.45 21.59
N GLY D 37 -9.70 -30.47 20.87
CA GLY D 37 -9.92 -31.80 21.49
C GLY D 37 -11.01 -32.61 20.78
N PRO D 38 -12.25 -32.09 20.64
CA PRO D 38 -13.33 -32.87 20.04
C PRO D 38 -13.08 -33.19 18.56
N THR D 39 -13.87 -34.13 18.05
CA THR D 39 -13.74 -34.67 16.67
C THR D 39 -14.21 -33.59 15.69
N GLN D 40 -15.04 -32.65 16.13
CA GLN D 40 -15.44 -31.48 15.32
C GLN D 40 -14.26 -30.50 15.15
N LYS D 41 -14.34 -29.59 14.17
CA LYS D 41 -13.31 -28.54 13.95
C LYS D 41 -14.02 -27.19 13.85
N TRP D 42 -13.30 -26.14 14.21
CA TRP D 42 -13.78 -24.74 14.19
C TRP D 42 -12.79 -23.89 13.40
N GLY D 43 -13.29 -22.81 12.82
CA GLY D 43 -12.42 -21.83 12.17
C GLY D 43 -11.75 -20.93 13.19
N PRO D 44 -11.08 -19.92 12.65
CA PRO D 44 -10.24 -19.00 13.42
C PRO D 44 -10.97 -18.14 14.47
N GLN D 45 -12.30 -18.07 14.50
CA GLN D 45 -13.08 -17.43 15.59
C GLN D 45 -13.36 -18.44 16.72
N GLY D 46 -13.01 -19.71 16.51
CA GLY D 46 -13.16 -20.78 17.52
C GLY D 46 -14.60 -21.19 17.75
N ASP D 47 -14.87 -21.73 18.93
CA ASP D 47 -16.14 -22.40 19.30
C ASP D 47 -16.90 -21.44 20.22
N ARG D 48 -17.91 -20.77 19.70
CA ARG D 48 -18.69 -19.77 20.48
C ARG D 48 -19.57 -20.44 21.55
N GLU D 49 -19.69 -21.76 21.60
CA GLU D 49 -20.57 -22.43 22.61
C GLU D 49 -19.72 -23.08 23.71
N HIS D 50 -18.39 -22.98 23.66
CA HIS D 50 -17.51 -23.66 24.65
C HIS D 50 -17.22 -22.67 25.78
N PRO D 51 -17.43 -23.05 27.06
CA PRO D 51 -17.10 -22.12 28.14
C PRO D 51 -15.59 -21.88 28.17
N ASP D 52 -15.18 -20.74 28.71
CA ASP D 52 -13.77 -20.39 29.03
C ASP D 52 -13.39 -21.12 30.32
N GLN D 53 -12.50 -22.11 30.24
CA GLN D 53 -11.99 -22.91 31.40
C GLN D 53 -10.51 -22.57 31.69
N GLY D 54 -10.07 -21.32 31.44
CA GLY D 54 -8.70 -20.84 31.68
C GLY D 54 -7.94 -20.51 30.41
N LEU D 55 -8.58 -19.86 29.45
CA LEU D 55 -8.00 -19.59 28.13
C LEU D 55 -6.87 -18.56 28.27
N ILE D 56 -5.86 -18.66 27.43
CA ILE D 56 -4.75 -17.68 27.37
C ILE D 56 -5.32 -16.32 26.93
N CYS D 57 -6.45 -16.28 26.24
CA CYS D 57 -7.11 -14.99 25.83
C CYS D 57 -8.58 -15.02 26.21
N HIS D 58 -9.01 -14.30 27.27
CA HIS D 58 -10.40 -14.33 27.79
C HIS D 58 -11.31 -13.54 26.83
N ASP D 59 -10.72 -12.81 25.89
CA ASP D 59 -11.46 -11.94 24.95
C ASP D 59 -11.72 -12.64 23.62
N ALA D 60 -11.44 -13.94 23.51
CA ALA D 60 -11.68 -14.73 22.28
C ALA D 60 -12.20 -16.10 22.70
N PHE D 61 -12.88 -16.81 21.79
CA PHE D 61 -13.45 -18.15 22.08
C PHE D 61 -12.31 -19.16 22.08
N CYS D 62 -12.52 -20.27 22.77
CA CYS D 62 -11.60 -21.43 22.70
C CYS D 62 -11.48 -21.86 21.24
N GLY D 63 -10.24 -22.09 20.76
CA GLY D 63 -9.92 -22.44 19.36
C GLY D 63 -9.88 -21.23 18.42
N ALA D 64 -9.92 -20.00 18.94
CA ALA D 64 -9.70 -18.79 18.11
C ALA D 64 -8.19 -18.56 17.94
N LEU D 65 -7.81 -17.89 16.85
CA LEU D 65 -6.43 -17.40 16.65
C LEU D 65 -6.25 -16.11 17.47
N VAL D 66 -5.19 -16.05 18.29
CA VAL D 66 -4.84 -14.81 19.02
C VAL D 66 -3.35 -14.56 18.84
N MET D 67 -2.88 -13.44 19.35
CA MET D 67 -1.49 -13.04 19.08
C MET D 67 -0.97 -12.29 20.28
N LYS D 68 0.35 -12.23 20.37
CA LYS D 68 1.05 -11.26 21.23
C LYS D 68 1.96 -10.46 20.32
N ILE D 69 2.16 -9.21 20.71
CA ILE D 69 3.12 -8.25 20.10
C ILE D 69 4.18 -7.96 21.17
N GLY D 70 5.41 -8.45 20.94
CA GLY D 70 6.45 -8.48 21.98
C GLY D 70 5.94 -9.25 23.20
N ASN D 71 5.85 -8.60 24.35
CA ASN D 71 5.39 -9.26 25.61
C ASN D 71 4.04 -8.62 26.03
N SER D 72 3.24 -8.17 25.06
CA SER D 72 1.85 -7.73 25.31
C SER D 72 1.04 -8.90 25.91
N GLY D 73 -0.10 -8.59 26.51
CA GLY D 73 -1.15 -9.61 26.74
C GLY D 73 -1.63 -10.18 25.40
N THR D 74 -2.40 -11.26 25.42
CA THR D 74 -2.99 -11.81 24.17
C THR D 74 -3.97 -10.79 23.59
N ILE D 75 -4.03 -10.74 22.27
CA ILE D 75 -4.90 -9.82 21.49
C ILE D 75 -5.65 -10.72 20.51
N PRO D 76 -7.01 -10.68 20.49
CA PRO D 76 -7.76 -11.50 19.54
C PRO D 76 -7.41 -11.14 18.09
N VAL D 77 -7.18 -12.16 17.28
CA VAL D 77 -7.03 -12.03 15.81
C VAL D 77 -8.26 -12.56 15.12
N ASN D 78 -8.71 -13.76 15.48
CA ASN D 78 -9.94 -14.37 14.89
C ASN D 78 -9.70 -14.58 13.39
N THR D 79 -10.59 -14.13 12.50
CA THR D 79 -10.39 -14.34 11.03
C THR D 79 -9.28 -13.41 10.51
N GLY D 80 -9.00 -12.33 11.22
CA GLY D 80 -7.91 -11.41 10.86
C GLY D 80 -8.18 -9.99 11.26
N LEU D 81 -7.33 -9.11 10.79
CA LEU D 81 -7.35 -7.67 11.15
C LEU D 81 -7.16 -6.89 9.86
N PHE D 82 -8.00 -5.91 9.60
CA PHE D 82 -7.87 -5.14 8.36
C PHE D 82 -7.24 -3.76 8.62
N ARG D 83 -6.05 -3.53 8.11
CA ARG D 83 -5.38 -2.20 8.21
C ARG D 83 -5.52 -1.68 9.64
N TRP D 84 -4.95 -2.45 10.55
CA TRP D 84 -5.09 -2.34 12.01
C TRP D 84 -3.82 -1.73 12.59
N VAL D 85 -4.04 -0.90 13.60
CA VAL D 85 -2.99 -0.21 14.39
C VAL D 85 -3.17 -0.65 15.84
N ALA D 86 -2.07 -1.02 16.52
CA ALA D 86 -2.07 -1.48 17.93
C ALA D 86 -2.33 -0.33 18.89
N PRO D 87 -2.79 -0.60 20.13
CA PRO D 87 -2.75 0.39 21.22
C PRO D 87 -1.36 1.00 21.45
N ASN D 88 -1.34 2.18 22.06
CA ASN D 88 -0.09 2.90 22.43
C ASN D 88 0.79 1.94 23.25
N ASN D 89 2.09 2.01 22.99
CA ASN D 89 3.16 1.36 23.79
C ASN D 89 3.18 -0.15 23.54
N VAL D 90 2.46 -0.68 22.55
CA VAL D 90 2.55 -2.13 22.19
C VAL D 90 3.47 -2.23 20.98
N GLN D 91 4.54 -3.01 21.07
CA GLN D 91 5.53 -3.14 19.98
C GLN D 91 6.33 -4.40 20.17
N GLY D 92 6.94 -4.89 19.09
CA GLY D 92 7.77 -6.10 19.08
C GLY D 92 7.26 -7.20 18.15
N ALA D 93 7.87 -8.37 18.25
CA ALA D 93 7.68 -9.51 17.33
C ALA D 93 6.26 -10.03 17.54
N ILE D 94 5.55 -10.35 16.45
CA ILE D 94 4.20 -10.97 16.51
C ILE D 94 4.39 -12.48 16.69
N THR D 95 3.82 -13.03 17.76
CA THR D 95 3.63 -14.47 17.96
C THR D 95 2.16 -14.81 17.78
N LEU D 96 1.85 -15.79 16.94
CA LEU D 96 0.45 -16.25 16.74
C LEU D 96 0.24 -17.49 17.60
N ILE D 97 -0.90 -17.58 18.28
CA ILE D 97 -1.13 -18.75 19.16
C ILE D 97 -2.56 -19.20 19.01
N TYR D 98 -2.78 -20.50 19.06
CA TYR D 98 -4.14 -21.07 19.23
C TYR D 98 -4.65 -20.82 20.64
N ASN D 99 -5.89 -20.35 20.79
CA ASN D 99 -6.52 -20.02 22.10
C ASN D 99 -6.97 -21.31 22.78
N ASP D 100 -6.22 -21.78 23.76
CA ASP D 100 -6.63 -22.97 24.54
C ASP D 100 -6.16 -22.75 25.98
N VAL D 101 -6.47 -23.71 26.83
CA VAL D 101 -6.07 -23.68 28.27
C VAL D 101 -4.65 -24.22 28.37
N PRO D 102 -3.74 -23.46 29.03
CA PRO D 102 -2.37 -23.91 29.26
C PRO D 102 -2.38 -25.33 29.83
N GLY D 103 -1.51 -26.19 29.31
CA GLY D 103 -1.38 -27.61 29.68
C GLY D 103 -2.41 -28.51 29.00
N THR D 104 -3.29 -27.97 28.12
CA THR D 104 -4.32 -28.82 27.44
C THR D 104 -4.12 -28.79 25.94
N TYR D 105 -2.98 -28.34 25.45
CA TYR D 105 -2.71 -28.27 24.00
C TYR D 105 -2.47 -29.67 23.40
N GLY D 106 -2.11 -30.67 24.22
CA GLY D 106 -1.68 -32.00 23.71
C GLY D 106 -2.71 -32.72 22.86
N ASN D 107 -4.01 -32.53 23.10
CA ASN D 107 -5.09 -33.24 22.36
C ASN D 107 -5.64 -32.39 21.19
N ASN D 108 -4.97 -31.30 20.85
CA ASN D 108 -5.39 -30.36 19.76
C ASN D 108 -4.97 -30.93 18.39
N SER D 109 -5.55 -30.46 17.31
CA SER D 109 -5.20 -30.95 15.97
C SER D 109 -5.58 -29.86 14.96
N GLY D 110 -4.99 -29.96 13.78
CA GLY D 110 -5.27 -29.04 12.66
C GLY D 110 -4.45 -27.80 12.85
N SER D 111 -4.72 -26.78 12.04
CA SER D 111 -3.84 -25.60 11.97
C SER D 111 -4.57 -24.52 11.21
N PHE D 112 -4.21 -23.28 11.44
CA PHE D 112 -4.65 -22.17 10.58
C PHE D 112 -3.49 -21.75 9.69
N SER D 113 -3.84 -21.42 8.44
CA SER D 113 -2.96 -20.77 7.46
C SER D 113 -3.07 -19.27 7.69
N VAL D 114 -1.96 -18.55 7.88
CA VAL D 114 -2.01 -17.11 8.22
C VAL D 114 -1.06 -16.33 7.32
N ASN D 115 -1.54 -15.19 6.80
CA ASN D 115 -0.76 -14.14 6.10
C ASN D 115 -0.74 -12.91 7.00
N ILE D 116 0.44 -12.30 7.16
CA ILE D 116 0.60 -10.97 7.76
C ILE D 116 1.43 -10.10 6.85
N GLY D 117 1.01 -8.85 6.65
CA GLY D 117 1.81 -7.84 5.94
C GLY D 117 1.63 -6.49 6.55
N LYS D 118 2.61 -5.61 6.32
CA LYS D 118 2.50 -4.21 6.72
C LYS D 118 1.84 -3.49 5.55
N ASP D 119 0.98 -2.55 5.85
CA ASP D 119 0.22 -1.76 4.85
C ASP D 119 0.82 -0.37 4.72
N GLN D 120 0.48 0.29 3.61
CA GLN D 120 0.86 1.68 3.37
C GLN D 120 0.29 2.52 4.53
N SER D 121 1.11 3.45 5.03
CA SER D 121 0.82 4.37 6.15
C SER D 121 1.66 5.64 5.97
CA CA E . 24.66 29.14 -0.07
C4 P3K F . 29.99 29.75 -1.76
C5 P3K F . 28.91 30.41 -1.22
C6 P3K F . 27.70 29.76 -1.06
C7 P3K F . 27.60 28.41 -1.42
N1 P3K F . 28.42 25.23 -2.66
C3 P3K F . 29.91 28.40 -2.10
C1 P3K F . 28.57 26.35 -2.35
C2 P3K F . 28.71 27.72 -1.93
O1 P3K F . 26.60 30.38 -0.53
O2 P3K F . 26.39 27.83 -1.24
CA CA G . 13.57 21.60 -28.84
O1 P6G H . -5.84 16.94 -26.67
C2 P6G H . -5.30 16.09 -27.68
C3 P6G H . -4.14 16.79 -28.40
O4 P6G H . -2.94 16.78 -27.59
C5 P6G H . -1.82 17.50 -28.18
C6 P6G H . -0.55 17.15 -27.43
O7 P6G H . -0.02 15.97 -28.00
C8 P6G H . 1.10 15.49 -27.35
C9 P6G H . 1.55 14.20 -27.97
O10 P6G H . 0.74 13.18 -27.40
C11 P6G H . 1.20 11.94 -27.87
C12 P6G H . 0.59 10.84 -27.06
O13 P6G H . -0.80 10.84 -27.21
C14 P6G H . -1.43 9.83 -26.44
C15 P6G H . -2.90 9.70 -26.83
O16 P6G H . -3.04 9.17 -28.14
C17 P6G H . -4.39 8.97 -28.56
C18 P6G H . -4.46 8.21 -29.90
O19 P6G H . -4.14 9.06 -31.03
C1 EDO I . 12.38 24.80 -28.58
O1 EDO I . 12.45 23.54 -27.87
C2 EDO I . 13.25 24.88 -29.82
O2 EDO I . 13.86 23.61 -30.12
CA CA J . -31.79 -20.94 4.94
C4 P3K K . -33.28 -26.21 3.67
C5 P3K K . -33.72 -25.04 4.25
C6 P3K K . -32.83 -23.99 4.45
C7 P3K K . -31.53 -24.08 3.98
N1 P3K K . -28.64 -25.59 2.65
C3 P3K K . -31.98 -26.34 3.25
C1 P3K K . -29.73 -25.43 2.98
C2 P3K K . -31.08 -25.27 3.41
O1 P3K K . -33.22 -22.79 4.98
O2 P3K K . -30.73 -23.01 4.22
O1 PG4 L . -12.35 -28.07 0.35
C1 PG4 L . -12.82 -26.75 0.15
C2 PG4 L . -14.20 -26.56 0.71
O2 PG4 L . -15.12 -27.53 0.21
C3 PG4 L . -16.41 -26.99 -0.07
C4 PG4 L . -17.21 -27.97 -0.83
O3 PG4 L . -16.60 -28.22 -2.09
C5 PG4 L . -17.03 -29.45 -2.67
C6 PG4 L . -16.69 -29.45 -4.13
O4 PG4 L . -15.31 -29.72 -4.33
C7 PG4 L . -15.04 -30.56 -5.46
C8 PG4 L . -14.46 -31.90 -5.02
O5 PG4 L . -15.40 -32.96 -5.14
C1 PGE M . 6.83 -14.83 34.04
O1 PGE M . 5.92 -14.69 32.98
C2 PGE M . 6.81 -13.68 34.96
O2 PGE M . 7.93 -13.74 35.83
C3 PGE M . 9.07 -13.00 35.38
C4 PGE M . 9.11 -11.64 35.99
O4 PGE M . 11.00 -9.06 33.14
C6 PGE M . 9.65 -9.04 33.50
C5 PGE M . 9.20 -10.37 33.99
O3 PGE M . 9.89 -10.77 35.17
CA CA N . -7.06 -29.03 24.12
C1 EDO O . -9.03 -29.46 26.94
O1 EDO O . -8.24 -30.14 25.96
C2 EDO O . -9.47 -28.08 26.53
O2 EDO O . -8.94 -27.70 25.28
#